data_3OW7
#
_entry.id   3OW7
#
_cell.length_a   84.237
_cell.length_b   111.008
_cell.length_c   258.867
_cell.angle_alpha   90.000
_cell.angle_beta   90.000
_cell.angle_gamma   90.000
#
_symmetry.space_group_name_H-M   'I 2 2 2'
#
loop_
_entity.id
_entity.type
_entity.pdbx_description
1 polymer 'Cation efflux system protein cusB'
2 non-polymer 'COPPER (I) ION'
#
_entity_poly.entity_id   1
_entity_poly.type   'polypeptide(L)'
_entity_poly.pdbx_seq_one_letter_code
;MKKIALIIGSMIAGGIISAAGFTWVAKAEPPAEKTSTAERKILFWYDPMYPNTRFDKPGKSPFMDMDLVPKYADEESSAS
GVRIDPTQTQNLGVKTATVTRGPLTFAQSFPANVSYNEYQYAIVQARAAGFIDKVYPLTVGDKVQKGTPLLDLTIPDWVE
AQSEYLLLRETGGTATQTEGILERLRLAGMPEADIRRLIATQKIQTRFTLKAPIDGVITAFDLRAGMNIAKDNVVAKIQG
MDPVWVTAAIPESIAWLVKDASQFTLTVPARPDKTLTIRKWTLLPGVDAATRTLQLRLEVDNADEALKPGMNAWLQLNTA
SEPMLLIPSQALIDTGSEQRVITVDADGRFVPKRVAVFQASQGVTALRSGLAEGEKVVSSGLFLIDSEANISGALERMRS
ESATHAHHHHHHH
;
_entity_poly.pdbx_strand_id   A,B
#
# COMPACT_ATOMS: atom_id res chain seq x y z
N GLN A 90 -34.28 29.21 0.47
CA GLN A 90 -34.37 28.55 1.77
C GLN A 90 -35.70 27.83 1.92
N ASN A 91 -35.77 26.60 1.40
CA ASN A 91 -36.98 25.79 1.35
C ASN A 91 -37.58 25.37 2.70
N LEU A 92 -37.12 24.23 3.22
CA LEU A 92 -37.59 23.65 4.49
C LEU A 92 -37.49 22.12 4.47
N GLY A 93 -37.61 21.54 3.28
CA GLY A 93 -37.47 20.11 3.12
C GLY A 93 -36.01 19.68 3.12
N VAL A 94 -35.27 20.21 4.08
CA VAL A 94 -33.84 19.96 4.17
C VAL A 94 -33.49 19.13 5.40
N LYS A 95 -32.43 18.34 5.27
CA LYS A 95 -31.92 17.56 6.39
C LYS A 95 -30.66 18.19 6.96
N THR A 96 -30.50 18.07 8.27
CA THR A 96 -29.31 18.59 8.92
C THR A 96 -28.38 17.45 9.33
N ALA A 97 -27.13 17.54 8.87
CA ALA A 97 -26.10 16.60 9.27
C ALA A 97 -25.20 17.23 10.32
N THR A 98 -23.91 16.94 10.23
CA THR A 98 -22.96 17.38 11.24
C THR A 98 -21.55 16.89 10.96
N VAL A 99 -20.56 17.75 11.21
CA VAL A 99 -19.16 17.34 11.16
C VAL A 99 -18.89 16.40 12.31
N THR A 100 -18.34 15.23 12.02
CA THR A 100 -17.98 14.29 13.05
C THR A 100 -16.49 14.08 13.00
N ARG A 101 -15.87 13.90 14.17
CA ARG A 101 -14.46 13.56 14.15
C ARG A 101 -14.31 12.06 14.09
N GLY A 102 -13.23 11.61 13.46
CA GLY A 102 -12.99 10.20 13.29
C GLY A 102 -12.19 9.89 12.04
N PRO A 103 -12.02 8.59 11.76
CA PRO A 103 -11.22 8.08 10.65
C PRO A 103 -12.05 7.53 9.49
N LEU A 104 -11.35 7.18 8.40
CA LEU A 104 -11.94 6.63 7.19
C LEU A 104 -11.65 5.14 7.06
N THR A 105 -12.48 4.45 6.28
CA THR A 105 -12.32 3.01 6.11
C THR A 105 -12.05 2.67 4.65
N PHE A 106 -10.85 2.17 4.36
CA PHE A 106 -10.51 1.78 3.00
C PHE A 106 -10.74 0.29 2.84
N ALA A 107 -11.23 -0.12 1.68
CA ALA A 107 -11.38 -1.54 1.41
C ALA A 107 -10.43 -1.99 0.31
N GLN A 108 -10.37 -3.29 0.13
CA GLN A 108 -9.45 -3.88 -0.83
C GLN A 108 -9.82 -5.34 -0.91
N SER A 109 -9.64 -5.92 -2.08
CA SER A 109 -9.89 -7.35 -2.28
C SER A 109 -8.57 -8.00 -2.63
N PHE A 110 -8.41 -9.25 -2.21
CA PHE A 110 -7.11 -9.91 -2.30
C PHE A 110 -7.13 -11.38 -2.69
N PRO A 111 -6.09 -11.81 -3.42
CA PRO A 111 -5.93 -13.17 -3.92
C PRO A 111 -5.67 -14.13 -2.76
N ALA A 112 -6.60 -15.06 -2.55
CA ALA A 112 -6.47 -16.02 -1.47
C ALA A 112 -6.40 -17.46 -1.98
N ASN A 113 -5.24 -18.08 -1.81
CA ASN A 113 -5.08 -19.50 -2.11
C ASN A 113 -5.39 -20.30 -0.84
N VAL A 114 -6.15 -21.39 -0.97
CA VAL A 114 -6.48 -22.22 0.19
C VAL A 114 -5.54 -23.42 0.41
N SER A 115 -5.44 -23.86 1.67
CA SER A 115 -4.40 -24.80 2.08
C SER A 115 -4.88 -25.79 3.15
N TYR A 116 -4.14 -26.88 3.33
CA TYR A 116 -4.40 -27.85 4.40
C TYR A 116 -3.53 -27.55 5.62
N ASN A 117 -4.14 -27.28 6.77
CA ASN A 117 -3.34 -27.04 7.97
C ASN A 117 -2.31 -28.14 8.17
N GLU A 118 -1.04 -27.75 8.15
CA GLU A 118 0.04 -28.68 8.34
C GLU A 118 0.05 -29.12 9.81
N TYR A 119 -1.02 -28.80 10.55
CA TYR A 119 -1.09 -29.10 11.99
C TYR A 119 -2.13 -30.15 12.35
N GLN A 120 -3.25 -30.14 11.64
CA GLN A 120 -4.29 -31.15 11.80
C GLN A 120 -3.91 -32.40 11.00
N TYR A 121 -2.63 -32.82 11.09
CA TYR A 121 -2.17 -34.05 10.42
C TYR A 121 -2.03 -35.19 11.42
N ALA A 122 -2.33 -36.41 10.98
CA ALA A 122 -2.14 -37.59 11.83
C ALA A 122 -1.17 -38.57 11.17
N ILE A 123 -0.02 -38.79 11.81
CA ILE A 123 0.95 -39.77 11.28
C ILE A 123 1.00 -41.11 12.04
N VAL A 124 1.17 -42.16 11.25
CA VAL A 124 1.30 -43.49 11.77
C VAL A 124 2.72 -43.82 11.39
N GLN A 125 3.52 -44.21 12.38
CA GLN A 125 4.92 -44.53 12.13
C GLN A 125 5.19 -45.95 12.59
N ALA A 126 6.19 -46.56 11.97
CA ALA A 126 6.44 -47.98 12.22
C ALA A 126 7.53 -48.23 13.27
N ARG A 127 7.10 -48.45 14.51
CA ARG A 127 8.04 -48.48 15.63
C ARG A 127 9.18 -49.49 15.49
N ALA A 128 8.94 -50.55 14.74
CA ALA A 128 9.96 -51.58 14.57
C ALA A 128 10.12 -51.94 13.10
N ALA A 129 11.27 -52.55 12.77
CA ALA A 129 11.57 -52.94 11.41
C ALA A 129 11.04 -54.32 11.12
N GLY A 130 9.94 -54.34 10.38
CA GLY A 130 9.22 -55.56 10.04
C GLY A 130 8.72 -55.59 8.60
N PHE A 131 7.89 -56.58 8.30
CA PHE A 131 7.30 -56.79 6.96
C PHE A 131 5.77 -56.61 6.93
N ILE A 132 5.24 -56.37 5.74
CA ILE A 132 3.82 -56.03 5.59
C ILE A 132 3.02 -57.08 4.82
N ASP A 133 1.71 -57.11 5.05
CA ASP A 133 0.77 -57.94 4.29
C ASP A 133 -0.61 -57.26 4.27
N LYS A 134 -1.58 -57.84 3.58
CA LYS A 134 -2.88 -57.17 3.43
C LYS A 134 -2.64 -55.82 2.73
N VAL A 135 -3.33 -54.78 3.20
CA VAL A 135 -3.16 -53.37 2.79
C VAL A 135 -4.50 -52.64 2.68
N TYR A 136 -5.55 -53.37 2.32
CA TYR A 136 -6.88 -52.75 2.17
C TYR A 136 -6.93 -52.08 0.78
N PRO A 137 -8.13 -51.77 0.27
CA PRO A 137 -8.22 -51.10 -1.03
C PRO A 137 -8.25 -49.57 -0.90
N LEU A 138 -7.08 -48.92 -1.00
CA LEU A 138 -7.00 -47.46 -0.86
C LEU A 138 -6.20 -46.75 -1.95
N THR A 139 -6.48 -45.46 -2.12
CA THR A 139 -5.68 -44.56 -2.94
C THR A 139 -5.10 -43.47 -2.05
N VAL A 140 -4.35 -42.53 -2.62
CA VAL A 140 -3.70 -41.48 -1.83
C VAL A 140 -4.66 -40.46 -1.19
N GLY A 141 -5.87 -40.35 -1.70
CA GLY A 141 -6.81 -39.36 -1.17
C GLY A 141 -8.23 -39.85 -0.90
N ASP A 142 -8.45 -40.44 0.27
CA ASP A 142 -9.76 -41.00 0.61
C ASP A 142 -10.27 -40.49 1.96
N LYS A 143 -11.42 -41.01 2.41
CA LYS A 143 -11.99 -40.65 3.71
C LYS A 143 -11.75 -41.77 4.74
N VAL A 144 -11.76 -41.40 6.02
CA VAL A 144 -11.69 -42.38 7.12
C VAL A 144 -12.77 -42.08 8.16
N GLN A 145 -13.16 -43.09 8.93
CA GLN A 145 -14.23 -42.91 9.90
C GLN A 145 -13.71 -42.68 11.32
N LYS A 146 -12.78 -43.52 11.75
CA LYS A 146 -12.13 -43.40 13.05
C LYS A 146 -10.70 -43.88 12.91
N GLY A 147 -10.32 -44.21 11.68
CA GLY A 147 -9.04 -44.82 11.40
C GLY A 147 -9.19 -46.28 11.05
N THR A 148 -9.78 -47.06 11.96
CA THR A 148 -10.04 -48.47 11.69
C THR A 148 -8.79 -49.19 11.13
N PRO A 149 -8.96 -50.33 10.44
CA PRO A 149 -7.77 -51.14 10.19
C PRO A 149 -7.14 -50.83 8.84
N LEU A 150 -5.82 -50.71 8.83
CA LEU A 150 -5.06 -50.48 7.62
C LEU A 150 -3.95 -51.51 7.69
N LEU A 151 -3.57 -52.08 6.54
CA LEU A 151 -2.35 -52.90 6.44
C LEU A 151 -1.74 -53.48 7.74
N ASP A 152 -1.50 -54.80 7.76
CA ASP A 152 -0.97 -55.48 8.95
C ASP A 152 0.47 -55.94 8.77
N LEU A 153 1.25 -55.91 9.84
CA LEU A 153 2.63 -56.38 9.72
C LEU A 153 2.87 -57.70 10.42
N THR A 154 4.05 -58.24 10.17
CA THR A 154 4.57 -59.33 10.95
C THR A 154 6.07 -59.06 11.10
N ILE A 155 6.64 -59.42 12.23
CA ILE A 155 8.02 -59.07 12.55
C ILE A 155 8.75 -60.24 13.16
N PRO A 156 10.03 -60.38 12.82
CA PRO A 156 10.90 -61.46 13.27
C PRO A 156 11.64 -61.13 14.55
N ASP A 157 11.99 -59.87 14.76
CA ASP A 157 12.99 -59.53 15.76
C ASP A 157 12.54 -59.77 17.17
N TRP A 158 11.23 -59.81 17.34
CA TRP A 158 10.67 -59.87 18.66
C TRP A 158 10.35 -61.29 19.04
N VAL A 159 9.90 -62.06 18.06
CA VAL A 159 9.47 -63.42 18.31
C VAL A 159 10.60 -64.25 18.90
N GLU A 160 11.81 -64.03 18.39
CA GLU A 160 12.95 -64.75 18.89
C GLU A 160 13.12 -64.42 20.37
N ALA A 161 13.13 -63.13 20.68
CA ALA A 161 13.35 -62.66 22.04
C ALA A 161 12.22 -63.05 22.99
N GLN A 162 10.98 -62.81 22.56
CA GLN A 162 9.84 -63.11 23.41
C GLN A 162 9.67 -64.58 23.72
N SER A 163 10.16 -65.43 22.83
CA SER A 163 10.00 -66.87 23.02
C SER A 163 10.80 -67.33 24.23
N GLU A 164 12.04 -66.84 24.31
CA GLU A 164 12.85 -67.14 25.48
C GLU A 164 12.06 -66.85 26.74
N TYR A 165 11.36 -65.73 26.74
CA TYR A 165 10.43 -65.43 27.82
C TYR A 165 9.46 -66.58 27.95
N LEU A 166 8.86 -66.96 26.84
CA LEU A 166 7.84 -68.00 26.86
C LEU A 166 8.30 -69.29 27.58
N LEU A 167 9.50 -69.79 27.28
CA LEU A 167 10.01 -70.98 27.97
C LEU A 167 10.47 -70.68 29.39
N LEU A 168 10.76 -69.42 29.66
CA LEU A 168 11.20 -68.99 30.98
C LEU A 168 10.01 -69.07 31.92
N ARG A 169 8.82 -69.00 31.35
CA ARG A 169 7.59 -69.12 32.12
C ARG A 169 7.24 -70.58 32.35
N GLU A 170 7.68 -71.45 31.46
CA GLU A 170 7.47 -72.87 31.63
C GLU A 170 8.44 -73.40 32.68
N THR A 171 9.73 -73.17 32.44
CA THR A 171 10.78 -73.60 33.35
C THR A 171 10.85 -72.65 34.55
N GLY A 172 11.71 -72.95 35.52
CA GLY A 172 11.85 -72.07 36.67
C GLY A 172 12.42 -70.70 36.31
N GLY A 173 11.68 -69.65 36.64
CA GLY A 173 12.16 -68.28 36.46
C GLY A 173 11.45 -67.28 37.39
N THR A 174 12.22 -66.67 38.30
CA THR A 174 11.66 -65.70 39.27
C THR A 174 10.81 -64.66 38.57
N ALA A 175 9.83 -64.09 39.27
CA ALA A 175 8.99 -63.06 38.66
C ALA A 175 9.86 -62.00 37.97
N THR A 176 10.89 -61.55 38.67
CA THR A 176 11.77 -60.51 38.16
C THR A 176 12.40 -60.83 36.80
N GLN A 177 12.62 -62.11 36.52
CA GLN A 177 13.20 -62.53 35.24
C GLN A 177 12.24 -62.19 34.09
N THR A 178 11.00 -62.67 34.20
CA THR A 178 9.99 -62.47 33.17
C THR A 178 9.68 -60.99 32.91
N GLU A 179 9.71 -60.18 33.96
CA GLU A 179 9.46 -58.76 33.84
C GLU A 179 10.55 -58.06 33.04
N GLY A 180 11.79 -58.38 33.35
CA GLY A 180 12.92 -57.85 32.61
C GLY A 180 12.69 -58.02 31.12
N ILE A 181 12.34 -59.24 30.72
CA ILE A 181 12.12 -59.54 29.31
C ILE A 181 10.93 -58.76 28.74
N LEU A 182 9.77 -58.88 29.38
CA LEU A 182 8.62 -58.08 28.97
C LEU A 182 8.99 -56.61 28.91
N GLU A 183 9.99 -56.22 29.69
CA GLU A 183 10.38 -54.83 29.69
C GLU A 183 11.22 -54.50 28.46
N ARG A 184 12.15 -55.38 28.11
CA ARG A 184 13.00 -55.15 26.94
C ARG A 184 12.25 -55.24 25.63
N LEU A 185 11.10 -55.92 25.66
CA LEU A 185 10.28 -56.08 24.50
C LEU A 185 9.39 -54.86 24.34
N ARG A 186 8.83 -54.42 25.45
CA ARG A 186 7.95 -53.26 25.47
C ARG A 186 8.73 -52.01 25.08
N LEU A 187 9.97 -51.93 25.59
CA LEU A 187 10.90 -50.86 25.22
C LEU A 187 11.29 -50.93 23.75
N ALA A 188 11.52 -52.13 23.24
CA ALA A 188 11.92 -52.32 21.85
C ALA A 188 10.81 -51.89 20.87
N GLY A 189 9.59 -51.75 21.36
CA GLY A 189 8.53 -51.18 20.54
C GLY A 189 7.14 -51.82 20.57
N MET A 190 7.05 -53.04 21.07
CA MET A 190 5.78 -53.76 21.09
C MET A 190 4.62 -53.09 21.82
N PRO A 191 3.48 -52.98 21.14
CA PRO A 191 2.25 -52.44 21.75
C PRO A 191 1.89 -53.10 23.07
N GLU A 192 1.29 -52.33 23.97
CA GLU A 192 0.86 -52.89 25.24
C GLU A 192 -0.24 -53.95 25.07
N ALA A 193 -1.16 -53.69 24.14
CA ALA A 193 -2.34 -54.54 23.98
C ALA A 193 -1.99 -55.95 23.57
N ASP A 194 -0.83 -56.12 22.95
CA ASP A 194 -0.39 -57.42 22.45
C ASP A 194 0.42 -58.16 23.51
N ILE A 195 1.24 -57.42 24.25
CA ILE A 195 1.99 -58.00 25.34
C ILE A 195 1.05 -58.62 26.40
N ARG A 196 0.15 -57.81 26.97
CA ARG A 196 -0.78 -58.34 27.96
C ARG A 196 -1.57 -59.52 27.38
N ARG A 197 -1.75 -59.52 26.06
CA ARG A 197 -2.40 -60.65 25.40
C ARG A 197 -1.39 -61.61 24.78
N LEU A 198 -0.15 -61.59 25.27
CA LEU A 198 0.75 -62.74 25.11
C LEU A 198 0.90 -63.44 26.47
N ILE A 199 0.82 -62.66 27.54
CA ILE A 199 0.92 -63.17 28.90
C ILE A 199 -0.36 -63.94 29.28
N ALA A 200 -1.45 -63.66 28.57
CA ALA A 200 -2.77 -64.22 28.87
C ALA A 200 -3.16 -65.40 27.97
N THR A 201 -2.71 -65.36 26.72
CA THR A 201 -2.97 -66.43 25.77
C THR A 201 -1.73 -67.31 25.64
N GLN A 202 -0.57 -66.74 25.98
CA GLN A 202 0.69 -67.44 25.95
C GLN A 202 1.15 -67.77 24.53
N LYS A 203 0.21 -67.65 23.59
CA LYS A 203 0.50 -67.94 22.19
C LYS A 203 1.21 -66.74 21.55
N ILE A 204 2.50 -66.93 21.29
CA ILE A 204 3.38 -65.95 20.64
C ILE A 204 2.66 -65.01 19.66
N GLN A 205 3.16 -63.76 19.57
CA GLN A 205 2.50 -62.69 18.81
C GLN A 205 3.30 -62.14 17.61
N THR A 206 2.60 -61.81 16.53
CA THR A 206 3.26 -61.36 15.29
C THR A 206 2.45 -60.42 14.41
N ARG A 207 1.27 -60.88 13.98
CA ARG A 207 0.45 -60.08 13.10
C ARG A 207 -0.17 -58.94 13.89
N PHE A 208 0.28 -57.72 13.60
CA PHE A 208 -0.25 -56.53 14.24
C PHE A 208 -1.01 -55.71 13.23
N THR A 209 -2.20 -55.29 13.62
CA THR A 209 -2.95 -54.38 12.78
C THR A 209 -2.94 -53.01 13.44
N LEU A 210 -2.41 -52.02 12.73
CA LEU A 210 -2.43 -50.65 13.27
C LEU A 210 -3.63 -49.83 12.79
N LYS A 211 -4.55 -49.64 13.73
CA LYS A 211 -5.79 -48.91 13.51
C LYS A 211 -5.55 -47.39 13.55
N ALA A 212 -5.79 -46.72 12.42
CA ALA A 212 -5.46 -45.29 12.24
C ALA A 212 -6.18 -44.34 13.19
N PRO A 213 -5.53 -43.22 13.53
CA PRO A 213 -6.06 -42.24 14.50
C PRO A 213 -7.10 -41.28 13.92
N ILE A 214 -7.99 -40.75 14.77
CA ILE A 214 -8.96 -39.72 14.40
C ILE A 214 -9.74 -40.00 13.10
N ASP A 215 -10.53 -39.03 12.65
CA ASP A 215 -11.15 -39.11 11.33
C ASP A 215 -10.13 -38.56 10.33
N GLY A 216 -10.60 -37.92 9.27
CA GLY A 216 -9.70 -37.20 8.37
C GLY A 216 -9.60 -37.70 6.95
N VAL A 217 -8.63 -37.16 6.21
CA VAL A 217 -8.44 -37.49 4.81
C VAL A 217 -7.03 -38.04 4.56
N ILE A 218 -6.96 -39.18 3.90
CA ILE A 218 -5.65 -39.77 3.61
C ILE A 218 -4.82 -38.78 2.79
N THR A 219 -3.63 -38.47 3.29
CA THR A 219 -2.60 -37.78 2.52
C THR A 219 -1.42 -38.73 2.52
N ALA A 220 -0.52 -38.59 1.55
CA ALA A 220 0.51 -39.60 1.38
C ALA A 220 -0.15 -40.99 1.29
N PHE A 221 0.59 -42.04 1.64
CA PHE A 221 0.12 -43.45 1.52
C PHE A 221 0.30 -43.98 0.10
N ASP A 222 -0.24 -45.18 -0.16
CA ASP A 222 -0.15 -45.86 -1.47
C ASP A 222 0.83 -47.02 -1.42
N LEU A 223 1.93 -46.84 -0.69
CA LEU A 223 2.88 -47.91 -0.48
C LEU A 223 2.12 -49.16 -0.03
N ARG A 224 2.32 -50.28 -0.73
CA ARG A 224 1.49 -51.47 -0.55
C ARG A 224 2.22 -52.80 -0.71
N ALA A 225 1.48 -53.91 -0.71
CA ALA A 225 2.00 -55.26 -0.97
C ALA A 225 2.79 -55.86 0.20
N GLY A 226 4.09 -55.97 0.03
CA GLY A 226 4.98 -56.40 1.09
C GLY A 226 6.33 -55.72 1.00
N MET A 227 6.58 -54.74 1.87
CA MET A 227 7.80 -53.97 1.81
C MET A 227 8.61 -54.11 3.09
N ASN A 228 9.91 -53.87 2.99
CA ASN A 228 10.79 -53.97 4.14
C ASN A 228 10.92 -52.63 4.84
N ILE A 229 10.39 -52.62 6.05
CA ILE A 229 10.31 -51.43 6.94
C ILE A 229 11.20 -51.67 8.21
N ALA A 230 11.94 -50.62 8.53
CA ALA A 230 12.75 -50.54 9.74
C ALA A 230 12.67 -49.15 10.39
N LYS A 231 12.74 -49.14 11.71
CA LYS A 231 12.86 -47.93 12.54
C LYS A 231 11.93 -46.70 12.55
N ASP A 232 10.61 -46.89 12.52
CA ASP A 232 9.69 -45.75 12.66
C ASP A 232 9.21 -45.05 11.40
N ASN A 233 9.75 -45.47 10.25
CA ASN A 233 9.42 -44.80 9.02
C ASN A 233 7.91 -44.65 8.96
N VAL A 234 7.47 -43.48 8.51
CA VAL A 234 6.07 -43.18 8.39
C VAL A 234 5.47 -43.85 7.18
N VAL A 235 4.27 -44.37 7.33
CA VAL A 235 3.65 -44.99 6.19
C VAL A 235 2.28 -44.43 6.12
N ALA A 236 2.17 -43.15 5.81
CA ALA A 236 0.85 -42.55 5.72
C ALA A 236 0.70 -41.31 6.59
N LYS A 237 -0.37 -40.57 6.33
CA LYS A 237 -0.72 -39.41 7.12
C LYS A 237 -2.23 -39.24 7.01
N ILE A 238 -2.79 -38.32 7.77
CA ILE A 238 -4.20 -37.98 7.63
C ILE A 238 -4.35 -36.47 7.79
N GLN A 239 -5.09 -35.83 6.89
CA GLN A 239 -5.25 -34.38 6.96
C GLN A 239 -6.61 -33.98 7.48
N GLY A 240 -6.62 -32.98 8.37
CA GLY A 240 -7.85 -32.54 9.00
C GLY A 240 -8.53 -31.46 8.20
N MET A 241 -9.85 -31.36 8.34
CA MET A 241 -10.61 -30.34 7.64
C MET A 241 -11.55 -29.61 8.61
N ASP A 242 -11.28 -29.73 9.91
CA ASP A 242 -12.08 -29.01 10.90
C ASP A 242 -11.66 -27.56 10.96
N PRO A 243 -10.34 -27.29 10.92
CA PRO A 243 -9.80 -25.97 10.57
C PRO A 243 -9.28 -26.00 9.12
N VAL A 244 -9.46 -24.92 8.36
CA VAL A 244 -8.89 -24.83 7.00
C VAL A 244 -8.08 -23.52 6.77
N TRP A 245 -7.18 -23.54 5.79
CA TRP A 245 -6.23 -22.43 5.61
C TRP A 245 -6.30 -21.61 4.32
N VAL A 246 -6.50 -20.31 4.49
CA VAL A 246 -6.37 -19.34 3.41
C VAL A 246 -5.16 -18.47 3.73
N THR A 247 -4.46 -18.06 2.68
CA THR A 247 -3.34 -17.16 2.85
C THR A 247 -3.40 -16.04 1.83
N ALA A 248 -3.39 -14.80 2.31
CA ALA A 248 -3.45 -13.65 1.43
C ALA A 248 -2.06 -13.02 1.35
N ALA A 249 -1.79 -12.33 0.25
CA ALA A 249 -0.56 -11.57 0.12
C ALA A 249 -0.80 -10.17 0.67
N ILE A 250 0.10 -9.71 1.53
CA ILE A 250 -0.04 -8.38 2.13
C ILE A 250 1.16 -7.49 1.83
N PRO A 251 0.86 -6.21 1.61
CA PRO A 251 1.86 -5.19 1.39
C PRO A 251 2.25 -4.95 2.82
N GLU A 252 3.50 -4.66 3.11
CA GLU A 252 3.86 -4.50 4.50
C GLU A 252 3.24 -3.39 5.37
N SER A 253 3.08 -2.17 4.87
CA SER A 253 2.48 -1.16 5.75
C SER A 253 1.04 -1.50 6.15
N ILE A 254 0.31 -1.95 5.15
CA ILE A 254 -1.07 -2.32 5.37
C ILE A 254 -1.10 -3.48 6.34
N ALA A 255 -0.17 -4.40 6.17
CA ALA A 255 -0.12 -5.56 7.05
C ALA A 255 0.12 -5.13 8.47
N TRP A 256 0.99 -4.16 8.66
CA TRP A 256 1.30 -3.69 10.00
C TRP A 256 0.07 -3.09 10.66
N LEU A 257 -0.76 -2.38 9.93
CA LEU A 257 -1.96 -1.81 10.57
C LEU A 257 -3.00 -2.79 11.21
N VAL A 258 -3.24 -3.91 10.55
CA VAL A 258 -4.19 -4.96 10.84
C VAL A 258 -3.93 -5.46 12.24
N LYS A 259 -4.93 -5.36 13.11
CA LYS A 259 -4.81 -5.83 14.49
C LYS A 259 -6.11 -6.45 15.04
N ASP A 260 -7.02 -6.82 14.16
CA ASP A 260 -8.30 -7.38 14.62
C ASP A 260 -9.03 -8.14 13.52
N ALA A 261 -9.75 -9.17 13.92
CA ALA A 261 -10.39 -10.11 12.99
C ALA A 261 -11.64 -9.59 12.28
N SER A 262 -12.23 -8.51 12.78
CA SER A 262 -13.48 -8.00 12.21
C SER A 262 -13.27 -7.29 10.88
N GLN A 263 -12.08 -6.73 10.68
CA GLN A 263 -11.78 -6.02 9.43
C GLN A 263 -11.67 -6.96 8.23
N PHE A 264 -11.37 -8.23 8.49
CA PHE A 264 -11.37 -9.23 7.43
C PHE A 264 -12.79 -9.57 7.01
N THR A 265 -12.95 -10.00 5.76
CA THR A 265 -14.26 -10.42 5.28
C THR A 265 -14.07 -11.39 4.14
N LEU A 266 -14.20 -12.67 4.43
CA LEU A 266 -13.98 -13.70 3.43
C LEU A 266 -15.22 -13.95 2.57
N THR A 267 -14.98 -14.10 1.28
CA THR A 267 -16.03 -14.44 0.34
C THR A 267 -15.49 -15.53 -0.56
N VAL A 268 -16.36 -16.46 -0.97
CA VAL A 268 -15.94 -17.56 -1.82
C VAL A 268 -16.91 -17.89 -2.93
N PRO A 269 -16.44 -17.76 -4.18
CA PRO A 269 -17.21 -18.04 -5.40
C PRO A 269 -17.89 -19.39 -5.29
N ALA A 270 -17.11 -20.46 -5.23
CA ALA A 270 -17.66 -21.82 -5.09
C ALA A 270 -18.91 -21.84 -4.23
N ARG A 271 -18.74 -21.75 -2.92
CA ARG A 271 -19.87 -21.81 -1.99
C ARG A 271 -20.30 -20.44 -1.48
N PRO A 272 -21.22 -19.80 -2.20
CA PRO A 272 -21.85 -18.62 -1.64
C PRO A 272 -22.56 -19.03 -0.36
N ASP A 273 -23.77 -19.57 -0.51
CA ASP A 273 -24.59 -20.01 0.62
C ASP A 273 -24.29 -19.29 1.92
N LYS A 274 -24.00 -20.05 2.95
CA LYS A 274 -23.67 -19.48 4.25
C LYS A 274 -22.26 -18.89 4.24
N THR A 275 -22.07 -17.81 4.99
CA THR A 275 -20.76 -17.21 5.14
C THR A 275 -19.86 -18.16 5.92
N LEU A 276 -18.65 -17.70 6.25
CA LEU A 276 -17.60 -18.61 6.69
C LEU A 276 -16.79 -18.04 7.86
N THR A 277 -17.30 -18.18 9.07
CA THR A 277 -16.65 -17.62 10.25
C THR A 277 -15.13 -17.83 10.25
N ILE A 278 -14.39 -16.94 10.91
CA ILE A 278 -12.93 -17.02 10.97
C ILE A 278 -12.49 -17.25 12.42
N ARG A 279 -11.62 -18.22 12.65
CA ARG A 279 -11.20 -18.49 14.03
C ARG A 279 -9.88 -17.83 14.39
N LYS A 280 -8.97 -17.73 13.43
CA LYS A 280 -7.68 -17.14 13.75
C LYS A 280 -6.95 -16.49 12.59
N TRP A 281 -6.29 -15.39 12.89
CA TRP A 281 -5.46 -14.71 11.92
C TRP A 281 -4.08 -14.53 12.50
N THR A 282 -3.10 -14.44 11.62
CA THR A 282 -1.71 -14.34 12.07
C THR A 282 -0.74 -14.14 10.93
N LEU A 283 0.20 -13.23 11.15
CA LEU A 283 1.18 -12.84 10.15
C LEU A 283 2.55 -13.51 10.32
N LEU A 284 3.10 -13.94 9.19
CA LEU A 284 4.40 -14.58 9.11
C LEU A 284 5.44 -13.55 8.72
N PRO A 285 6.13 -12.97 9.71
CA PRO A 285 7.16 -11.95 9.51
C PRO A 285 8.04 -12.17 8.27
N GLY A 286 8.06 -13.39 7.74
CA GLY A 286 8.75 -13.66 6.49
C GLY A 286 8.36 -12.68 5.40
N VAL A 287 9.25 -11.74 5.11
CA VAL A 287 8.99 -10.71 4.11
C VAL A 287 9.36 -11.18 2.70
N ASP A 288 8.35 -11.53 1.91
CA ASP A 288 8.58 -11.95 0.53
C ASP A 288 9.41 -10.88 -0.18
N ALA A 289 10.45 -11.30 -0.90
CA ALA A 289 11.35 -10.34 -1.51
C ALA A 289 10.89 -9.86 -2.90
N ALA A 290 10.20 -10.72 -3.64
CA ALA A 290 9.67 -10.32 -4.94
C ALA A 290 8.57 -9.28 -4.78
N THR A 291 7.36 -9.74 -4.48
CA THR A 291 6.31 -8.85 -4.02
C THR A 291 6.69 -8.45 -2.61
N ARG A 292 6.46 -7.19 -2.26
CA ARG A 292 6.73 -6.76 -0.90
C ARG A 292 5.63 -7.26 0.00
N THR A 293 5.43 -8.58 -0.04
CA THR A 293 4.25 -9.19 0.55
C THR A 293 4.56 -10.06 1.78
N LEU A 294 3.79 -9.85 2.84
CA LEU A 294 3.84 -10.69 4.03
C LEU A 294 2.78 -11.75 3.87
N GLN A 295 3.04 -12.93 4.41
CA GLN A 295 2.03 -13.96 4.45
C GLN A 295 1.08 -13.69 5.61
N LEU A 296 -0.21 -13.63 5.33
CA LEU A 296 -1.16 -13.50 6.43
C LEU A 296 -2.11 -14.69 6.44
N ARG A 297 -1.97 -15.54 7.44
CA ARG A 297 -2.73 -16.80 7.48
C ARG A 297 -4.04 -16.72 8.25
N LEU A 298 -5.07 -17.30 7.67
CA LEU A 298 -6.37 -17.38 8.30
C LEU A 298 -6.79 -18.82 8.52
N GLU A 299 -7.31 -19.11 9.71
CA GLU A 299 -7.90 -20.41 10.00
C GLU A 299 -9.41 -20.32 9.80
N VAL A 300 -10.01 -21.39 9.30
CA VAL A 300 -11.42 -21.35 8.92
C VAL A 300 -12.29 -22.45 9.55
N ASP A 301 -13.44 -22.05 10.09
CA ASP A 301 -14.38 -23.01 10.69
C ASP A 301 -15.08 -23.85 9.63
N ASN A 302 -14.47 -25.00 9.33
CA ASN A 302 -15.03 -25.97 8.40
C ASN A 302 -15.53 -27.23 9.09
N ALA A 303 -16.86 -27.38 9.13
CA ALA A 303 -17.46 -28.58 9.66
C ALA A 303 -17.89 -29.49 8.52
N ASP A 304 -18.69 -28.97 7.61
CA ASP A 304 -19.25 -29.79 6.53
C ASP A 304 -18.34 -29.88 5.30
N GLU A 305 -17.03 -29.82 5.52
CA GLU A 305 -16.05 -29.90 4.44
C GLU A 305 -15.95 -28.60 3.64
N ALA A 306 -16.55 -28.60 2.46
CA ALA A 306 -16.59 -27.40 1.60
C ALA A 306 -15.32 -27.19 0.76
N LEU A 307 -14.22 -26.85 1.41
CA LEU A 307 -13.02 -26.37 0.70
C LEU A 307 -11.89 -27.40 0.53
N LYS A 308 -11.33 -27.46 -0.68
CA LYS A 308 -10.32 -28.46 -1.03
C LYS A 308 -8.90 -27.86 -1.15
N PRO A 309 -8.01 -28.48 -1.94
CA PRO A 309 -6.76 -27.74 -2.10
C PRO A 309 -6.81 -26.80 -3.29
N GLY A 310 -6.34 -25.57 -3.11
CA GLY A 310 -6.16 -24.65 -4.22
C GLY A 310 -7.42 -24.12 -4.88
N MET A 311 -8.50 -24.02 -4.11
CA MET A 311 -9.71 -23.36 -4.58
C MET A 311 -9.49 -21.86 -4.78
N ASN A 312 -10.57 -21.09 -4.72
CA ASN A 312 -10.52 -19.66 -5.02
C ASN A 312 -11.31 -18.82 -4.03
N ALA A 313 -10.66 -17.85 -3.41
CA ALA A 313 -11.34 -16.99 -2.42
C ALA A 313 -10.79 -15.55 -2.35
N TRP A 314 -11.67 -14.62 -2.03
CA TRP A 314 -11.31 -13.21 -1.90
C TRP A 314 -11.44 -12.72 -0.48
N LEU A 315 -10.55 -11.80 -0.10
CA LEU A 315 -10.48 -11.33 1.27
C LEU A 315 -10.52 -9.82 1.36
N GLN A 316 -11.71 -9.22 1.32
CA GLN A 316 -11.78 -7.77 1.48
C GLN A 316 -11.43 -7.41 2.93
N LEU A 317 -10.50 -6.49 3.12
CA LEU A 317 -10.20 -5.99 4.46
C LEU A 317 -10.52 -4.49 4.58
N ASN A 318 -10.71 -4.00 5.80
CA ASN A 318 -11.01 -2.60 6.03
C ASN A 318 -9.93 -1.92 6.88
N THR A 319 -9.10 -1.09 6.25
CA THR A 319 -8.11 -0.30 6.97
C THR A 319 -8.72 0.99 7.52
N ALA A 320 -7.89 1.84 8.10
CA ALA A 320 -8.35 3.16 8.55
C ALA A 320 -7.27 4.22 8.43
N SER A 321 -7.48 5.34 9.12
CA SER A 321 -6.63 6.50 8.98
C SER A 321 -6.66 7.35 10.24
N GLU A 322 -5.55 8.01 10.58
CA GLU A 322 -5.56 8.95 11.70
C GLU A 322 -6.79 9.84 11.50
N PRO A 323 -7.47 10.21 12.60
CA PRO A 323 -8.79 10.86 12.48
C PRO A 323 -8.73 12.24 11.83
N MET A 324 -9.76 12.56 11.06
CA MET A 324 -9.89 13.86 10.42
C MET A 324 -11.31 14.37 10.61
N LEU A 325 -11.51 15.67 10.40
CA LEU A 325 -12.87 16.21 10.41
C LEU A 325 -13.64 15.66 9.20
N LEU A 326 -14.61 14.79 9.46
CA LEU A 326 -15.32 14.10 8.37
C LEU A 326 -16.78 14.53 8.19
N ILE A 327 -17.18 14.74 6.94
CA ILE A 327 -18.54 15.15 6.64
C ILE A 327 -19.16 14.29 5.53
N PRO A 328 -20.49 14.20 5.51
CA PRO A 328 -21.14 13.54 4.38
C PRO A 328 -20.68 14.19 3.07
N SER A 329 -20.36 13.37 2.06
CA SER A 329 -19.85 13.89 0.80
C SER A 329 -20.88 14.75 0.08
N GLN A 330 -22.15 14.37 0.21
CA GLN A 330 -23.23 15.07 -0.48
C GLN A 330 -23.37 16.49 0.04
N ALA A 331 -23.37 16.63 1.36
CA ALA A 331 -23.48 17.94 1.99
C ALA A 331 -22.37 18.87 1.53
N LEU A 332 -21.38 18.32 0.80
CA LEU A 332 -20.28 19.09 0.23
C LEU A 332 -20.43 19.31 -1.27
N ILE A 333 -19.87 20.42 -1.77
CA ILE A 333 -19.95 20.76 -3.18
C ILE A 333 -18.83 21.69 -3.68
N ASP A 334 -18.42 21.46 -4.93
CA ASP A 334 -17.51 22.36 -5.63
C ASP A 334 -17.74 22.20 -7.13
N THR A 335 -16.73 22.56 -7.91
CA THR A 335 -16.76 22.40 -9.37
C THR A 335 -15.43 22.82 -9.96
N GLY A 336 -15.01 24.04 -9.66
CA GLY A 336 -13.76 24.56 -10.18
C GLY A 336 -12.67 24.40 -9.15
N SER A 337 -11.99 25.51 -8.88
CA SER A 337 -11.01 25.56 -7.80
C SER A 337 -11.77 25.99 -6.56
N GLU A 338 -13.06 26.24 -6.72
CA GLU A 338 -13.91 26.69 -5.63
C GLU A 338 -14.64 25.50 -5.00
N GLN A 339 -14.40 25.26 -3.73
CA GLN A 339 -14.93 24.09 -3.04
C GLN A 339 -15.28 24.42 -1.59
N ARG A 340 -16.51 24.11 -1.18
CA ARG A 340 -16.96 24.41 0.17
C ARG A 340 -18.45 24.11 0.36
N VAL A 341 -19.00 24.52 1.51
CA VAL A 341 -20.38 24.21 1.86
C VAL A 341 -21.06 25.23 2.77
N ILE A 342 -21.98 24.71 3.58
CA ILE A 342 -22.88 25.52 4.38
C ILE A 342 -22.77 25.28 5.88
N THR A 343 -23.02 26.33 6.66
CA THR A 343 -23.00 26.26 8.10
C THR A 343 -24.42 26.52 8.65
N VAL A 344 -24.87 25.68 9.58
CA VAL A 344 -26.15 25.89 10.24
C VAL A 344 -25.92 26.43 11.66
N ASP A 345 -26.77 27.34 12.11
CA ASP A 345 -26.57 28.01 13.40
C ASP A 345 -27.70 27.77 14.40
N ALA A 346 -27.41 27.99 15.68
CA ALA A 346 -28.41 27.93 16.73
C ALA A 346 -29.57 28.83 16.31
N ASP A 347 -29.22 30.06 15.95
CA ASP A 347 -30.15 30.93 15.23
C ASP A 347 -30.03 30.57 13.75
N GLY A 348 -30.94 29.69 13.32
CA GLY A 348 -30.86 29.02 12.03
C GLY A 348 -30.74 29.90 10.82
N ARG A 349 -29.49 30.19 10.47
CA ARG A 349 -29.09 31.01 9.33
C ARG A 349 -27.83 30.40 8.72
N PHE A 350 -27.82 30.29 7.40
CA PHE A 350 -26.81 29.51 6.69
C PHE A 350 -25.75 30.38 6.06
N VAL A 351 -24.51 30.15 6.48
CA VAL A 351 -23.39 30.93 6.00
C VAL A 351 -22.27 30.07 5.41
N PRO A 352 -22.04 30.19 4.09
CA PRO A 352 -20.97 29.46 3.39
C PRO A 352 -19.57 29.60 4.01
N LYS A 353 -18.80 28.51 3.97
CA LYS A 353 -17.48 28.44 4.61
C LYS A 353 -16.51 27.76 3.66
N ARG A 354 -15.33 28.37 3.44
CA ARG A 354 -14.31 27.82 2.53
C ARG A 354 -13.47 26.71 3.17
N VAL A 355 -13.47 25.53 2.54
CA VAL A 355 -12.76 24.35 3.06
C VAL A 355 -11.88 23.68 2.01
N ALA A 356 -10.93 22.88 2.48
CA ALA A 356 -10.01 22.17 1.59
C ALA A 356 -9.95 20.67 1.88
N VAL A 357 -10.47 19.86 0.96
CA VAL A 357 -10.57 18.42 1.17
C VAL A 357 -9.22 17.71 1.16
N PHE A 358 -9.22 16.49 1.72
CA PHE A 358 -8.04 15.65 1.77
C PHE A 358 -8.41 14.46 0.91
N GLN A 359 -8.94 13.41 1.53
CA GLN A 359 -9.38 12.23 0.78
C GLN A 359 -10.91 12.14 0.82
N ALA A 360 -11.44 11.05 0.27
CA ALA A 360 -12.89 10.87 0.22
C ALA A 360 -13.32 9.47 -0.24
N SER A 361 -13.12 8.48 0.61
CA SER A 361 -13.53 7.10 0.30
C SER A 361 -14.79 6.68 1.06
N GLN A 362 -15.62 5.87 0.40
CA GLN A 362 -16.80 5.27 1.02
C GLN A 362 -18.01 6.20 1.02
N GLY A 363 -17.83 7.39 0.47
CA GLY A 363 -18.92 8.36 0.43
C GLY A 363 -18.87 9.34 1.58
N VAL A 364 -17.67 9.53 2.15
CA VAL A 364 -17.47 10.54 3.19
C VAL A 364 -16.11 11.21 2.99
N THR A 365 -16.11 12.54 2.89
CA THR A 365 -14.87 13.25 2.65
C THR A 365 -14.14 13.56 3.95
N ALA A 366 -12.83 13.77 3.85
CA ALA A 366 -12.03 14.11 5.01
C ALA A 366 -11.27 15.38 4.71
N LEU A 367 -11.61 16.43 5.46
CA LEU A 367 -11.18 17.80 5.19
C LEU A 367 -9.78 18.11 5.72
N ARG A 368 -8.96 18.75 4.90
CA ARG A 368 -7.66 19.21 5.38
C ARG A 368 -7.87 20.29 6.40
N SER A 369 -8.44 21.39 5.95
CA SER A 369 -8.68 22.54 6.81
C SER A 369 -9.89 23.31 6.31
N GLY A 370 -10.54 24.03 7.21
CA GLY A 370 -11.64 24.89 6.82
C GLY A 370 -12.71 24.97 7.88
N LEU A 371 -13.08 23.83 8.43
CA LEU A 371 -14.14 23.79 9.42
C LEU A 371 -13.65 23.37 10.80
N ALA A 372 -14.54 23.52 11.78
CA ALA A 372 -14.28 23.12 13.14
C ALA A 372 -15.11 21.89 13.43
N GLU A 373 -14.77 21.18 14.49
CA GLU A 373 -15.38 19.90 14.78
C GLU A 373 -16.91 19.96 14.88
N GLY A 374 -17.42 20.90 15.67
CA GLY A 374 -18.84 20.93 15.99
C GLY A 374 -19.81 21.28 14.87
N GLU A 375 -19.43 22.17 13.98
CA GLU A 375 -20.40 22.82 13.08
C GLU A 375 -21.36 21.81 12.44
N LYS A 376 -22.59 22.26 12.19
CA LYS A 376 -23.56 21.43 11.51
C LYS A 376 -23.56 21.75 10.03
N VAL A 377 -24.23 20.92 9.23
CA VAL A 377 -24.19 21.06 7.79
C VAL A 377 -25.45 20.49 7.15
N VAL A 378 -25.74 20.96 5.95
CA VAL A 378 -26.92 20.53 5.22
C VAL A 378 -26.64 19.33 4.31
N SER A 379 -27.36 18.25 4.53
CA SER A 379 -27.20 17.02 3.74
C SER A 379 -28.47 16.75 2.92
N SER A 380 -28.30 16.68 1.60
CA SER A 380 -29.40 16.39 0.68
C SER A 380 -30.55 17.39 0.79
N GLY A 381 -30.22 18.65 1.07
CA GLY A 381 -31.24 19.66 1.28
C GLY A 381 -31.66 20.42 0.03
N LEU A 382 -31.99 21.71 0.21
CA LEU A 382 -32.49 22.56 -0.86
C LEU A 382 -32.42 24.04 -0.51
N PHE A 383 -31.88 24.85 -1.42
CA PHE A 383 -31.81 26.29 -1.23
C PHE A 383 -32.02 27.01 -2.55
N LEU A 384 -32.39 28.29 -2.45
CA LEU A 384 -32.68 29.10 -3.63
C LEU A 384 -31.86 30.37 -3.61
N ILE A 385 -31.05 30.57 -4.65
CA ILE A 385 -30.27 31.80 -4.80
C ILE A 385 -31.18 33.02 -4.95
N THR B 89 34.49 -16.93 26.63
CA THR B 89 33.75 -15.69 26.37
C THR B 89 34.36 -14.50 27.13
N GLN B 90 35.56 -14.09 26.73
CA GLN B 90 36.32 -13.07 27.46
C GLN B 90 36.76 -11.84 26.63
N ASN B 91 37.24 -12.03 25.41
CA ASN B 91 37.61 -10.89 24.57
C ASN B 91 36.40 -10.32 23.84
N LEU B 92 36.33 -9.00 23.76
CA LEU B 92 35.18 -8.34 23.14
C LEU B 92 35.52 -7.53 21.89
N GLY B 93 35.35 -8.16 20.72
CA GLY B 93 35.43 -7.48 19.46
C GLY B 93 34.04 -7.33 18.88
N VAL B 94 33.29 -6.33 19.35
CA VAL B 94 31.87 -6.20 19.05
C VAL B 94 31.36 -4.76 18.92
N LYS B 95 30.30 -4.58 18.14
CA LYS B 95 29.54 -3.32 18.11
C LYS B 95 28.36 -3.44 19.08
N THR B 96 27.81 -2.31 19.52
CA THR B 96 26.64 -2.33 20.39
C THR B 96 25.47 -1.55 19.78
N ALA B 97 24.27 -2.06 19.99
CA ALA B 97 23.07 -1.42 19.47
C ALA B 97 22.12 -1.08 20.61
N THR B 98 21.70 0.17 20.65
CA THR B 98 20.67 0.57 21.58
C THR B 98 19.35 0.10 20.96
N VAL B 99 18.51 -0.57 21.75
CA VAL B 99 17.15 -0.91 21.29
C VAL B 99 16.31 0.35 21.47
N THR B 100 15.35 0.60 20.58
CA THR B 100 14.60 1.85 20.66
C THR B 100 13.11 1.74 20.35
N ARG B 101 12.37 2.78 20.67
CA ARG B 101 10.96 2.85 20.31
C ARG B 101 10.83 3.68 19.05
N GLY B 102 9.93 3.27 18.15
CA GLY B 102 9.73 4.01 16.93
C GLY B 102 9.09 3.22 15.81
N PRO B 103 8.87 3.88 14.66
CA PRO B 103 8.16 3.32 13.51
C PRO B 103 9.12 2.65 12.56
N LEU B 104 8.63 2.23 11.41
CA LEU B 104 9.46 1.61 10.38
C LEU B 104 9.28 2.36 9.06
N THR B 105 10.23 2.19 8.12
CA THR B 105 10.13 2.85 6.82
C THR B 105 10.05 1.88 5.63
N PHE B 106 8.92 1.91 4.93
CA PHE B 106 8.70 1.04 3.78
C PHE B 106 8.93 1.80 2.48
N ALA B 107 9.83 1.32 1.63
CA ALA B 107 10.07 1.96 0.35
C ALA B 107 9.17 1.36 -0.72
N GLN B 108 8.81 2.17 -1.69
CA GLN B 108 7.86 1.74 -2.70
C GLN B 108 8.12 2.58 -3.93
N SER B 109 8.21 1.93 -5.08
CA SER B 109 8.38 2.66 -6.32
C SER B 109 7.05 2.78 -7.02
N PHE B 110 6.86 3.92 -7.66
CA PHE B 110 5.62 4.26 -8.30
C PHE B 110 5.82 4.91 -9.66
N PRO B 111 4.93 4.59 -10.59
CA PRO B 111 4.87 5.07 -11.97
C PRO B 111 4.59 6.54 -12.00
N ALA B 112 5.36 7.30 -12.76
CA ALA B 112 5.16 8.73 -12.88
C ALA B 112 5.23 9.16 -14.34
N ASN B 113 4.30 10.03 -14.74
CA ASN B 113 4.38 10.71 -16.02
C ASN B 113 4.70 12.18 -15.77
N VAL B 114 5.19 12.89 -16.78
CA VAL B 114 5.54 14.31 -16.63
C VAL B 114 4.53 15.21 -17.34
N SER B 115 4.23 16.38 -16.77
CA SER B 115 3.13 17.22 -17.26
C SER B 115 3.33 18.73 -17.17
N TYR B 116 2.49 19.48 -17.89
CA TYR B 116 2.53 20.95 -17.89
C TYR B 116 1.36 21.50 -17.09
N ASN B 117 1.58 22.63 -16.43
CA ASN B 117 0.57 23.23 -15.57
C ASN B 117 -0.59 23.81 -16.36
N GLU B 118 -1.82 23.48 -15.99
CA GLU B 118 -2.93 24.19 -16.59
C GLU B 118 -2.89 25.64 -16.12
N TYR B 119 -2.09 25.90 -15.08
CA TYR B 119 -2.04 27.22 -14.47
C TYR B 119 -1.16 28.19 -15.25
N GLN B 120 -0.11 27.65 -15.86
CA GLN B 120 0.84 28.44 -16.66
C GLN B 120 0.26 28.86 -18.01
N TYR B 121 -0.96 28.42 -18.30
CA TYR B 121 -1.61 28.76 -19.54
C TYR B 121 -1.74 30.26 -19.60
N ALA B 122 -0.96 30.88 -20.47
CA ALA B 122 -1.07 32.31 -20.72
C ALA B 122 -1.48 32.57 -22.17
N ILE B 123 -2.74 32.98 -22.35
CA ILE B 123 -3.24 33.33 -23.67
C ILE B 123 -3.02 34.82 -23.93
N VAL B 124 -2.83 35.17 -25.20
CA VAL B 124 -2.65 36.56 -25.60
C VAL B 124 -3.86 37.03 -26.41
N GLN B 125 -4.61 37.98 -25.87
CA GLN B 125 -5.84 38.45 -26.51
C GLN B 125 -5.76 39.91 -26.95
N ALA B 126 -6.68 40.32 -27.82
CA ALA B 126 -6.63 41.65 -28.41
C ALA B 126 -7.15 42.74 -27.48
N ARG B 127 -6.37 43.81 -27.34
CA ARG B 127 -6.76 44.94 -26.51
C ARG B 127 -7.83 45.81 -27.17
N ALA B 128 -8.14 45.54 -28.43
CA ALA B 128 -9.16 46.30 -29.17
C ALA B 128 -9.28 45.89 -30.63
N ALA B 129 -10.24 46.49 -31.32
CA ALA B 129 -10.39 46.29 -32.76
C ALA B 129 -9.19 46.89 -33.49
N GLY B 130 -8.35 46.02 -34.05
CA GLY B 130 -7.17 46.47 -34.77
C GLY B 130 -6.92 45.65 -36.01
N PHE B 131 -5.74 45.85 -36.61
CA PHE B 131 -5.34 45.08 -37.78
C PHE B 131 -3.88 44.64 -37.67
N ILE B 132 -3.50 43.67 -38.47
CA ILE B 132 -2.27 42.94 -38.25
C ILE B 132 -1.11 43.37 -39.13
N ASP B 133 0.09 42.99 -38.71
CA ASP B 133 1.32 43.29 -39.44
C ASP B 133 2.39 42.31 -38.99
N LYS B 134 3.47 42.18 -39.78
CA LYS B 134 4.58 41.31 -39.41
C LYS B 134 4.21 39.82 -39.21
N VAL B 135 4.24 39.37 -37.96
CA VAL B 135 4.15 37.94 -37.55
C VAL B 135 5.51 37.25 -37.60
N TYR B 136 6.38 37.59 -36.64
CA TYR B 136 7.78 37.18 -36.69
C TYR B 136 7.99 35.71 -37.06
N PRO B 137 9.18 35.38 -37.61
CA PRO B 137 9.44 33.99 -38.00
C PRO B 137 9.30 33.04 -36.82
N LEU B 138 8.06 32.64 -36.53
CA LEU B 138 7.78 31.75 -35.41
C LEU B 138 6.86 30.61 -35.83
N THR B 139 7.18 29.40 -35.40
CA THR B 139 6.32 28.26 -35.61
C THR B 139 5.60 27.96 -34.30
N VAL B 140 5.04 26.76 -34.17
CA VAL B 140 4.36 26.43 -32.93
C VAL B 140 5.34 25.91 -31.88
N GLY B 141 6.29 25.08 -32.28
CA GLY B 141 7.26 24.53 -31.36
C GLY B 141 8.21 25.46 -30.62
N ASP B 142 8.64 26.52 -31.28
CA ASP B 142 9.59 27.47 -30.72
C ASP B 142 9.28 28.18 -29.39
N LYS B 143 10.32 28.23 -28.56
CA LYS B 143 10.36 28.81 -27.24
C LYS B 143 10.78 30.26 -27.30
N VAL B 144 9.98 31.07 -26.62
CA VAL B 144 10.16 32.50 -26.45
C VAL B 144 10.91 32.58 -25.14
N GLN B 145 12.18 32.94 -25.25
CA GLN B 145 13.08 33.00 -24.11
C GLN B 145 12.49 33.90 -23.04
N LYS B 146 12.17 35.11 -23.45
CA LYS B 146 11.48 36.04 -22.57
C LYS B 146 10.22 36.47 -23.29
N GLY B 147 9.44 37.33 -22.66
CA GLY B 147 8.43 38.08 -23.38
C GLY B 147 9.14 38.87 -24.46
N THR B 148 8.88 38.49 -25.70
CA THR B 148 9.52 39.09 -26.88
C THR B 148 8.50 39.37 -27.98
N PRO B 149 8.92 39.99 -29.09
CA PRO B 149 7.97 40.41 -30.13
C PRO B 149 7.20 39.26 -30.79
N LEU B 150 5.88 39.26 -30.64
CA LEU B 150 5.03 38.29 -31.31
C LEU B 150 4.63 38.83 -32.69
N LEU B 151 4.37 40.13 -32.75
CA LEU B 151 3.92 40.76 -34.00
C LEU B 151 3.75 42.29 -33.88
N ASP B 152 3.34 42.91 -34.99
CA ASP B 152 3.12 44.35 -35.02
C ASP B 152 1.69 44.62 -35.40
N LEU B 153 1.17 45.78 -35.01
CA LEU B 153 -0.14 46.21 -35.49
C LEU B 153 -0.45 47.70 -35.36
N THR B 154 -1.48 48.10 -36.11
CA THR B 154 -1.92 49.47 -36.17
C THR B 154 -3.40 49.42 -35.79
N ILE B 155 -3.93 50.51 -35.28
CA ILE B 155 -5.31 50.53 -34.78
C ILE B 155 -6.00 51.86 -35.10
N PRO B 156 -7.10 51.80 -35.86
CA PRO B 156 -7.96 52.93 -36.25
C PRO B 156 -8.50 53.69 -35.04
N ASP B 157 -9.82 53.80 -34.92
CA ASP B 157 -10.49 54.45 -33.78
C ASP B 157 -9.50 55.07 -32.81
N TRP B 158 -8.76 54.19 -32.13
CA TRP B 158 -7.64 54.57 -31.29
C TRP B 158 -7.06 55.90 -31.76
N VAL B 159 -6.81 56.00 -33.07
CA VAL B 159 -6.18 57.16 -33.66
C VAL B 159 -6.93 58.45 -33.36
N GLU B 160 -8.24 58.48 -33.47
CA GLU B 160 -8.91 59.75 -33.23
C GLU B 160 -8.52 60.35 -31.88
N ALA B 161 -8.45 59.54 -30.84
CA ALA B 161 -8.07 60.05 -29.54
C ALA B 161 -6.64 60.62 -29.40
N GLN B 162 -5.64 59.98 -29.99
CA GLN B 162 -4.26 60.44 -29.85
C GLN B 162 -3.97 61.84 -30.38
N SER B 163 -4.49 62.12 -31.56
CA SER B 163 -4.36 63.42 -32.24
C SER B 163 -5.13 64.55 -31.55
N GLU B 164 -6.30 64.24 -31.02
CA GLU B 164 -7.10 65.20 -30.26
C GLU B 164 -6.28 65.80 -29.12
N TYR B 165 -5.61 64.95 -28.34
CA TYR B 165 -4.67 65.41 -27.32
C TYR B 165 -3.61 66.28 -27.95
N LEU B 166 -3.22 65.93 -29.18
CA LEU B 166 -2.14 66.62 -29.87
C LEU B 166 -2.45 68.07 -30.25
N LEU B 167 -3.72 68.37 -30.46
CA LEU B 167 -4.12 69.75 -30.72
C LEU B 167 -4.14 70.55 -29.41
N LEU B 168 -4.43 69.88 -28.30
CA LEU B 168 -4.51 70.51 -26.99
C LEU B 168 -3.14 70.92 -26.45
N ARG B 169 -2.13 70.07 -26.67
CA ARG B 169 -0.77 70.41 -26.29
C ARG B 169 -0.32 71.69 -27.00
N GLU B 170 -0.63 71.78 -28.30
CA GLU B 170 -0.29 72.97 -29.09
C GLU B 170 -1.03 74.19 -28.56
N THR B 171 -2.35 74.14 -28.62
CA THR B 171 -3.20 75.29 -28.34
C THR B 171 -3.55 75.44 -26.86
N GLY B 172 -2.56 75.22 -25.99
CA GLY B 172 -2.72 75.36 -24.56
C GLY B 172 -4.11 75.09 -24.01
N GLY B 173 -4.33 73.88 -23.51
CA GLY B 173 -5.63 73.48 -22.99
C GLY B 173 -5.54 72.97 -21.55
N THR B 174 -6.63 72.39 -21.05
CA THR B 174 -6.66 71.91 -19.68
C THR B 174 -5.76 70.69 -19.49
N ALA B 175 -4.65 70.87 -18.78
CA ALA B 175 -3.71 69.78 -18.54
C ALA B 175 -4.42 68.62 -17.86
N THR B 176 -5.42 68.94 -17.05
CA THR B 176 -6.20 67.93 -16.35
C THR B 176 -7.00 67.08 -17.33
N GLN B 177 -7.64 67.73 -18.29
CA GLN B 177 -8.49 67.04 -19.26
C GLN B 177 -7.67 66.26 -20.28
N THR B 178 -6.48 66.77 -20.61
CA THR B 178 -5.57 66.04 -21.48
C THR B 178 -5.14 64.73 -20.81
N GLU B 179 -4.90 64.78 -19.50
CA GLU B 179 -4.52 63.57 -18.77
C GLU B 179 -5.71 62.62 -18.63
N GLY B 180 -6.92 63.17 -18.58
CA GLY B 180 -8.13 62.37 -18.53
C GLY B 180 -8.34 61.54 -19.79
N ILE B 181 -8.12 62.16 -20.94
CA ILE B 181 -8.26 61.47 -22.23
C ILE B 181 -7.17 60.39 -22.37
N LEU B 182 -5.98 60.68 -21.83
CA LEU B 182 -4.89 59.71 -21.79
C LEU B 182 -5.23 58.53 -20.88
N GLU B 183 -5.85 58.80 -19.75
CA GLU B 183 -6.31 57.71 -18.88
C GLU B 183 -7.38 56.86 -19.57
N ARG B 184 -8.23 57.51 -20.36
CA ARG B 184 -9.26 56.79 -21.14
C ARG B 184 -8.65 55.93 -22.25
N LEU B 185 -7.49 56.35 -22.75
CA LEU B 185 -6.78 55.60 -23.76
C LEU B 185 -5.98 54.48 -23.10
N ARG B 186 -5.27 54.84 -22.04
CA ARG B 186 -4.53 53.87 -21.23
C ARG B 186 -5.53 52.91 -20.59
N LEU B 187 -6.81 53.30 -20.62
CA LEU B 187 -7.92 52.43 -20.19
C LEU B 187 -8.37 51.54 -21.34
N ALA B 188 -8.37 52.08 -22.55
CA ALA B 188 -8.69 51.30 -23.73
C ALA B 188 -7.62 50.22 -23.93
N GLY B 189 -6.36 50.59 -23.74
CA GLY B 189 -5.26 49.63 -23.79
C GLY B 189 -3.97 50.12 -24.43
N MET B 190 -3.49 51.30 -24.05
CA MET B 190 -2.24 51.83 -24.60
C MET B 190 -1.07 51.76 -23.63
N PRO B 191 0.01 51.07 -24.04
CA PRO B 191 1.24 50.88 -23.24
C PRO B 191 1.87 52.19 -22.76
N GLU B 192 2.36 52.19 -21.52
CA GLU B 192 2.99 53.38 -20.96
C GLU B 192 4.27 53.76 -21.69
N ALA B 193 4.96 52.78 -22.27
CA ALA B 193 6.22 53.05 -22.96
C ALA B 193 6.02 53.85 -24.24
N ASP B 194 4.93 53.57 -24.96
CA ASP B 194 4.65 54.24 -26.23
C ASP B 194 4.14 55.68 -26.09
N ILE B 195 3.37 55.95 -25.04
CA ILE B 195 2.95 57.32 -24.73
C ILE B 195 4.12 58.18 -24.26
N ARG B 196 5.11 57.55 -23.65
CA ARG B 196 6.35 58.22 -23.28
C ARG B 196 7.10 58.57 -24.56
N ARG B 197 7.23 57.56 -25.43
CA ARG B 197 7.87 57.73 -26.72
C ARG B 197 7.19 58.81 -27.57
N LEU B 198 5.87 58.94 -27.42
CA LEU B 198 5.13 59.96 -28.19
C LEU B 198 5.48 61.39 -27.75
N ILE B 199 5.41 61.69 -26.47
CA ILE B 199 5.75 63.04 -26.02
C ILE B 199 7.20 63.40 -26.38
N ALA B 200 8.06 62.38 -26.49
CA ALA B 200 9.48 62.58 -26.75
C ALA B 200 9.80 63.03 -28.18
N THR B 201 9.40 62.23 -29.17
CA THR B 201 9.57 62.61 -30.57
C THR B 201 8.31 63.28 -31.09
N GLN B 202 7.24 63.15 -30.31
CA GLN B 202 5.93 63.69 -30.62
C GLN B 202 5.16 62.88 -31.68
N LYS B 203 5.83 62.51 -32.76
CA LYS B 203 5.19 61.74 -33.83
C LYS B 203 4.04 60.89 -33.27
N ILE B 204 2.81 61.21 -33.67
CA ILE B 204 1.65 60.45 -33.22
C ILE B 204 2.05 59.00 -33.16
N GLN B 205 1.50 58.26 -32.20
CA GLN B 205 1.94 56.88 -32.06
C GLN B 205 1.33 55.91 -33.06
N THR B 206 2.18 55.54 -34.03
CA THR B 206 1.74 54.89 -35.23
C THR B 206 1.34 53.43 -34.97
N ARG B 207 2.27 52.51 -35.12
CA ARG B 207 1.98 51.11 -34.82
C ARG B 207 2.92 50.57 -33.77
N PHE B 208 2.35 49.78 -32.86
CA PHE B 208 3.04 49.23 -31.72
C PHE B 208 3.06 47.70 -31.80
N THR B 209 4.02 47.08 -31.11
CA THR B 209 4.19 45.63 -31.22
C THR B 209 4.13 44.97 -29.86
N LEU B 210 3.28 43.95 -29.72
CA LEU B 210 3.09 43.27 -28.44
C LEU B 210 4.11 42.16 -28.16
N LYS B 211 4.43 41.99 -26.89
CA LYS B 211 5.46 41.06 -26.46
C LYS B 211 4.94 40.07 -25.41
N ALA B 212 5.21 38.79 -25.62
CA ALA B 212 4.64 37.74 -24.77
C ALA B 212 4.84 37.99 -23.29
N PRO B 213 3.88 37.58 -22.47
CA PRO B 213 3.99 37.75 -21.02
C PRO B 213 5.04 36.81 -20.41
N ILE B 214 4.81 35.51 -20.54
CA ILE B 214 5.56 34.51 -19.80
C ILE B 214 6.60 33.79 -20.65
N ASP B 215 7.75 33.47 -20.05
CA ASP B 215 8.70 32.56 -20.67
C ASP B 215 7.92 31.31 -21.07
N GLY B 216 8.28 30.67 -22.08
CA GLY B 216 8.19 29.26 -22.41
C GLY B 216 8.00 28.80 -23.85
N VAL B 217 6.96 28.01 -24.11
CA VAL B 217 6.68 27.52 -25.46
C VAL B 217 5.30 27.82 -26.08
N ILE B 218 5.28 28.12 -27.38
CA ILE B 218 4.05 28.41 -28.12
C ILE B 218 3.19 27.16 -28.31
N THR B 219 1.91 27.29 -27.96
CA THR B 219 0.94 26.23 -28.22
C THR B 219 -0.24 26.80 -29.02
N ALA B 220 -0.11 26.74 -30.34
CA ALA B 220 -1.05 27.37 -31.28
C ALA B 220 -0.83 28.88 -31.41
N PHE B 221 -0.72 29.33 -32.65
CA PHE B 221 -0.36 30.71 -33.00
C PHE B 221 -0.11 30.70 -34.51
N ASP B 222 -1.18 30.73 -35.28
CA ASP B 222 -1.08 30.39 -36.68
C ASP B 222 -1.27 31.60 -37.57
N LEU B 223 -2.02 32.56 -37.07
CA LEU B 223 -2.41 33.70 -37.87
C LEU B 223 -1.17 34.37 -38.42
N ARG B 224 -1.20 34.67 -39.72
CA ARG B 224 -0.12 35.38 -40.37
C ARG B 224 -0.73 36.43 -41.30
N ALA B 225 0.13 37.31 -41.81
CA ALA B 225 -0.30 38.46 -42.58
C ALA B 225 -1.10 39.41 -41.71
N GLY B 226 -2.10 40.05 -42.31
CA GLY B 226 -2.97 40.94 -41.60
C GLY B 226 -4.43 40.54 -41.73
N MET B 227 -5.07 40.24 -40.61
CA MET B 227 -6.47 39.87 -40.59
C MET B 227 -7.23 40.89 -39.74
N ASN B 228 -8.56 40.82 -39.77
CA ASN B 228 -9.39 41.72 -38.97
C ASN B 228 -9.77 41.09 -37.65
N ILE B 229 -9.48 41.81 -36.57
CA ILE B 229 -9.65 41.28 -35.23
C ILE B 229 -10.52 42.21 -34.38
N ALA B 230 -11.54 41.65 -33.75
CA ALA B 230 -12.44 42.43 -32.89
C ALA B 230 -12.46 41.86 -31.48
N LYS B 231 -12.55 42.74 -30.48
CA LYS B 231 -12.62 42.33 -29.06
C LYS B 231 -11.46 41.45 -28.56
N ASP B 232 -11.81 40.43 -27.80
CA ASP B 232 -10.82 39.60 -27.11
C ASP B 232 -10.54 38.29 -27.85
N ASN B 233 -9.96 38.37 -29.03
CA ASN B 233 -9.58 37.17 -29.77
C ASN B 233 -8.19 36.70 -29.34
N VAL B 234 -8.07 35.41 -29.06
CA VAL B 234 -6.79 34.85 -28.65
C VAL B 234 -5.89 34.68 -29.87
N VAL B 235 -4.95 35.60 -30.01
CA VAL B 235 -4.06 35.62 -31.15
C VAL B 235 -3.00 34.54 -31.03
N ALA B 236 -2.55 34.34 -29.80
CA ALA B 236 -1.47 33.40 -29.52
C ALA B 236 -1.64 32.85 -28.11
N LYS B 237 -0.93 31.78 -27.82
CA LYS B 237 -1.06 31.07 -26.56
C LYS B 237 0.28 30.43 -26.18
N ILE B 238 0.62 30.42 -24.90
CA ILE B 238 1.93 29.95 -24.47
C ILE B 238 1.89 28.97 -23.30
N GLN B 239 2.88 28.09 -23.24
CA GLN B 239 3.05 27.12 -22.15
C GLN B 239 4.31 27.40 -21.33
N GLY B 240 4.20 27.34 -20.00
CA GLY B 240 5.37 27.60 -19.15
C GLY B 240 6.21 26.37 -18.91
N MET B 241 7.52 26.58 -18.74
CA MET B 241 8.44 25.48 -18.52
C MET B 241 9.12 25.53 -17.14
N ASP B 242 8.87 26.59 -16.38
CA ASP B 242 9.55 26.79 -15.10
C ASP B 242 9.21 25.74 -14.03
N PRO B 243 7.90 25.53 -13.76
CA PRO B 243 7.39 24.42 -12.94
C PRO B 243 6.94 23.26 -13.81
N VAL B 244 7.28 22.03 -13.41
CA VAL B 244 6.84 20.82 -14.12
C VAL B 244 6.05 19.84 -13.21
N TRP B 245 4.94 19.31 -13.71
CA TRP B 245 4.04 18.45 -12.94
C TRP B 245 4.16 16.95 -13.22
N VAL B 246 4.59 16.21 -12.22
CA VAL B 246 4.69 14.75 -12.29
C VAL B 246 3.62 14.07 -11.43
N THR B 247 2.80 13.22 -12.04
CA THR B 247 1.73 12.53 -11.31
C THR B 247 2.06 11.05 -11.05
N ALA B 248 1.81 10.57 -9.82
CA ALA B 248 2.00 9.15 -9.49
C ALA B 248 0.67 8.49 -9.09
N ALA B 249 0.59 7.17 -9.25
CA ALA B 249 -0.60 6.44 -8.84
C ALA B 249 -0.45 5.97 -7.39
N ILE B 250 -1.36 6.39 -6.53
CA ILE B 250 -1.28 6.12 -5.10
C ILE B 250 -2.45 5.24 -4.65
N PRO B 251 -2.21 4.37 -3.65
CA PRO B 251 -3.27 3.56 -3.05
C PRO B 251 -3.89 4.32 -1.91
N GLU B 252 -5.20 4.50 -1.92
CA GLU B 252 -5.84 5.35 -0.93
C GLU B 252 -5.60 4.86 0.49
N SER B 253 -5.33 3.56 0.62
CA SER B 253 -5.02 2.99 1.91
C SER B 253 -3.72 3.58 2.47
N ILE B 254 -2.71 3.70 1.61
CA ILE B 254 -1.41 4.22 2.01
C ILE B 254 -1.38 5.76 1.97
N ALA B 255 -2.50 6.37 1.57
CA ALA B 255 -2.56 7.80 1.27
C ALA B 255 -2.26 8.76 2.43
N TRP B 256 -3.09 8.71 3.46
CA TRP B 256 -2.94 9.58 4.63
C TRP B 256 -1.60 9.45 5.36
N LEU B 257 -0.81 8.44 4.99
CA LEU B 257 0.48 8.18 5.63
C LEU B 257 1.61 8.96 5.00
N VAL B 258 1.28 10.04 4.30
CA VAL B 258 2.26 10.79 3.51
C VAL B 258 2.90 11.94 4.30
N LYS B 259 2.15 13.01 4.54
CA LYS B 259 2.49 14.02 5.57
C LYS B 259 3.60 15.04 5.29
N ASP B 260 4.51 14.75 4.36
CA ASP B 260 5.67 15.62 4.13
C ASP B 260 6.49 15.34 2.86
N ALA B 261 7.09 16.40 2.31
CA ALA B 261 7.83 16.34 1.04
C ALA B 261 9.14 15.53 1.01
N SER B 262 9.71 15.22 2.17
CA SER B 262 11.05 14.61 2.20
C SER B 262 11.06 13.11 1.88
N GLN B 263 9.91 12.45 1.99
CA GLN B 263 9.79 11.00 1.75
C GLN B 263 9.97 10.65 0.29
N PHE B 264 9.25 11.41 -0.55
CA PHE B 264 9.37 11.35 -1.98
C PHE B 264 10.81 11.43 -2.42
N THR B 265 11.22 10.45 -3.20
CA THR B 265 12.50 10.55 -3.87
C THR B 265 12.24 10.42 -5.36
N LEU B 266 12.61 11.46 -6.11
CA LEU B 266 12.32 11.51 -7.55
C LEU B 266 13.53 11.20 -8.44
N THR B 267 13.37 10.18 -9.29
CA THR B 267 14.42 9.74 -10.19
C THR B 267 13.87 9.46 -11.60
N VAL B 268 14.60 9.90 -12.64
CA VAL B 268 14.22 9.65 -14.03
C VAL B 268 15.25 8.84 -14.80
N PRO B 269 14.79 7.87 -15.59
CA PRO B 269 15.71 6.99 -16.31
C PRO B 269 16.54 7.84 -17.25
N ALA B 270 15.96 8.93 -17.72
CA ALA B 270 16.57 9.77 -18.74
C ALA B 270 17.96 10.23 -18.32
N ARG B 271 18.05 10.79 -17.12
CA ARG B 271 19.28 11.44 -16.71
C ARG B 271 19.46 11.42 -15.21
N PRO B 272 20.66 11.05 -14.77
CA PRO B 272 21.12 11.31 -13.41
C PRO B 272 21.38 12.81 -13.30
N ASP B 273 20.66 13.51 -12.42
CA ASP B 273 20.72 14.96 -12.40
C ASP B 273 21.11 15.59 -11.06
N LYS B 274 21.62 16.82 -11.12
CA LYS B 274 22.09 17.56 -9.96
C LYS B 274 20.93 17.93 -9.05
N THR B 275 19.81 18.30 -9.65
CA THR B 275 18.68 18.81 -8.92
C THR B 275 17.38 18.14 -9.37
N LEU B 276 17.01 17.06 -8.69
CA LEU B 276 15.66 16.55 -8.85
C LEU B 276 14.89 16.99 -7.63
N THR B 277 15.00 18.29 -7.33
CA THR B 277 14.43 18.87 -6.13
C THR B 277 12.98 19.28 -6.35
N ILE B 278 12.08 18.66 -5.59
CA ILE B 278 10.66 18.92 -5.70
C ILE B 278 10.25 19.99 -4.69
N ARG B 279 9.47 20.96 -5.14
CA ARG B 279 9.11 22.08 -4.26
C ARG B 279 7.81 21.85 -3.48
N LYS B 280 6.75 21.48 -4.20
CA LYS B 280 5.44 21.37 -3.59
C LYS B 280 4.80 20.05 -3.91
N TRP B 281 3.89 19.62 -3.04
CA TRP B 281 3.19 18.36 -3.24
C TRP B 281 1.72 18.52 -2.86
N THR B 282 0.87 17.71 -3.46
CA THR B 282 -0.56 17.78 -3.23
C THR B 282 -1.31 16.61 -3.86
N LEU B 283 -2.56 16.45 -3.46
CA LEU B 283 -3.41 15.35 -3.91
C LEU B 283 -4.68 15.82 -4.60
N LEU B 284 -4.99 15.16 -5.72
CA LEU B 284 -6.21 15.42 -6.47
C LEU B 284 -7.33 14.53 -5.97
N PRO B 285 -8.55 15.07 -5.92
CA PRO B 285 -9.70 14.30 -5.43
C PRO B 285 -9.92 12.98 -6.17
N GLY B 286 -9.65 12.94 -7.47
CA GLY B 286 -9.94 11.75 -8.26
C GLY B 286 -9.37 10.44 -7.75
N VAL B 287 -10.24 9.43 -7.61
CA VAL B 287 -9.81 8.07 -7.27
C VAL B 287 -9.96 7.13 -8.47
N ASP B 288 -9.04 6.17 -8.61
CA ASP B 288 -9.15 5.18 -9.68
C ASP B 288 -10.20 4.17 -9.27
N ALA B 289 -11.36 4.22 -9.93
CA ALA B 289 -12.49 3.39 -9.54
C ALA B 289 -12.18 1.89 -9.51
N ALA B 290 -11.72 1.35 -10.64
CA ALA B 290 -11.44 -0.08 -10.75
C ALA B 290 -10.49 -0.55 -9.63
N THR B 291 -9.27 -0.04 -9.67
CA THR B 291 -8.30 -0.29 -8.61
C THR B 291 -8.09 1.01 -7.84
N ARG B 292 -8.34 0.99 -6.54
CA ARG B 292 -8.30 2.20 -5.70
C ARG B 292 -6.98 2.98 -5.77
N THR B 293 -7.03 4.15 -6.41
CA THR B 293 -5.84 4.96 -6.60
C THR B 293 -6.11 6.46 -6.49
N LEU B 294 -5.35 7.13 -5.64
CA LEU B 294 -5.35 8.58 -5.61
C LEU B 294 -4.32 9.07 -6.62
N GLN B 295 -4.52 10.27 -7.14
CA GLN B 295 -3.55 10.84 -8.08
C GLN B 295 -2.72 11.91 -7.39
N LEU B 296 -1.46 11.58 -7.15
CA LEU B 296 -0.59 12.41 -6.32
C LEU B 296 0.15 13.47 -7.13
N ARG B 297 -0.48 14.63 -7.35
CA ARG B 297 0.19 15.70 -8.09
C ARG B 297 1.41 16.26 -7.36
N LEU B 298 2.56 16.11 -8.00
CA LEU B 298 3.82 16.63 -7.49
C LEU B 298 4.19 17.81 -8.40
N GLU B 299 5.01 18.73 -7.90
CA GLU B 299 5.50 19.85 -8.72
C GLU B 299 7.02 20.02 -8.57
N VAL B 300 7.76 19.83 -9.66
CA VAL B 300 9.23 19.86 -9.59
C VAL B 300 9.89 21.02 -10.34
N ASP B 301 10.76 21.73 -9.63
CA ASP B 301 11.54 22.84 -10.20
C ASP B 301 12.34 22.44 -11.43
N ASN B 302 12.21 23.26 -12.48
CA ASN B 302 12.72 22.91 -13.79
C ASN B 302 13.37 24.10 -14.49
N ALA B 303 14.25 24.79 -13.78
CA ALA B 303 14.99 25.90 -14.35
C ALA B 303 15.80 25.42 -15.56
N ASP B 304 16.66 24.42 -15.34
CA ASP B 304 17.42 23.84 -16.45
C ASP B 304 16.47 23.52 -17.61
N GLU B 305 15.35 22.89 -17.30
CA GLU B 305 14.27 22.64 -18.27
C GLU B 305 14.43 21.38 -19.15
N ALA B 306 15.32 20.47 -18.76
CA ALA B 306 15.57 19.28 -19.55
C ALA B 306 14.58 18.12 -19.30
N LEU B 307 13.34 18.46 -18.99
CA LEU B 307 12.30 17.45 -18.73
C LEU B 307 11.17 17.47 -19.76
N LYS B 308 11.04 16.40 -20.54
CA LYS B 308 9.96 16.32 -21.52
C LYS B 308 8.76 15.53 -20.99
N PRO B 309 7.55 16.09 -21.15
CA PRO B 309 6.24 15.56 -20.70
C PRO B 309 5.96 14.12 -21.11
N GLY B 310 6.84 13.51 -21.89
CA GLY B 310 6.67 12.11 -22.26
C GLY B 310 7.53 11.24 -21.37
N MET B 311 8.54 11.86 -20.76
CA MET B 311 9.53 11.12 -20.01
C MET B 311 8.92 10.15 -19.02
N ASN B 312 9.73 9.17 -18.61
CA ASN B 312 9.33 8.30 -17.53
C ASN B 312 10.02 8.73 -16.24
N ALA B 313 9.32 8.56 -15.12
CA ALA B 313 9.84 8.96 -13.82
C ALA B 313 9.48 7.96 -12.73
N TRP B 314 10.47 7.59 -11.93
CA TRP B 314 10.27 6.67 -10.81
C TRP B 314 10.26 7.37 -9.46
N LEU B 315 9.19 7.15 -8.71
CA LEU B 315 9.02 7.80 -7.42
C LEU B 315 9.18 6.83 -6.25
N GLN B 316 10.32 6.92 -5.56
CA GLN B 316 10.52 6.14 -4.35
C GLN B 316 9.82 6.82 -3.18
N LEU B 317 8.64 6.32 -2.87
CA LEU B 317 7.85 6.77 -1.74
C LEU B 317 8.33 6.08 -0.46
N ASN B 318 8.20 6.73 0.69
CA ASN B 318 8.51 6.05 1.95
C ASN B 318 7.39 6.17 2.99
N THR B 319 6.89 5.03 3.46
CA THR B 319 5.81 4.99 4.45
C THR B 319 6.33 4.74 5.88
N ALA B 320 5.45 4.82 6.88
CA ALA B 320 5.84 4.61 8.28
C ALA B 320 4.92 3.60 9.00
N SER B 321 5.18 3.37 10.28
CA SER B 321 4.41 2.38 11.06
C SER B 321 4.24 2.75 12.54
N GLU B 322 3.10 2.39 13.12
CA GLU B 322 2.88 2.60 14.55
C GLU B 322 4.10 2.08 15.29
N PRO B 323 4.72 2.93 16.14
CA PRO B 323 5.98 2.59 16.80
C PRO B 323 6.06 1.17 17.38
N MET B 324 7.20 0.52 17.18
CA MET B 324 7.43 -0.82 17.68
C MET B 324 8.80 -0.89 18.35
N LEU B 325 9.23 -2.10 18.69
CA LEU B 325 10.57 -2.34 19.23
C LEU B 325 11.55 -2.54 18.09
N LEU B 326 12.64 -1.77 18.09
CA LEU B 326 13.49 -1.64 16.91
C LEU B 326 14.89 -2.18 17.09
N ILE B 327 15.18 -3.27 16.39
CA ILE B 327 16.50 -3.91 16.48
C ILE B 327 17.14 -4.05 15.10
N PRO B 328 18.42 -3.73 15.05
CA PRO B 328 19.15 -3.82 13.78
C PRO B 328 19.06 -5.27 13.38
N SER B 329 18.79 -5.51 12.12
CA SER B 329 18.65 -6.88 11.65
C SER B 329 19.93 -7.69 11.77
N GLN B 330 21.07 -7.10 11.45
CA GLN B 330 22.30 -7.86 11.52
C GLN B 330 22.42 -8.68 12.79
N ALA B 331 22.02 -8.11 13.91
CA ALA B 331 22.14 -8.86 15.17
C ALA B 331 20.99 -9.80 15.58
N LEU B 332 20.03 -10.03 14.69
CA LEU B 332 18.90 -10.91 15.03
C LEU B 332 19.12 -12.24 14.35
N ILE B 333 19.06 -13.30 15.13
CA ILE B 333 19.45 -14.61 14.62
C ILE B 333 18.40 -15.71 14.76
N ASP B 334 18.22 -16.41 13.65
CA ASP B 334 17.34 -17.56 13.56
C ASP B 334 17.31 -17.99 12.11
N THR B 335 16.97 -19.25 11.89
CA THR B 335 16.63 -19.77 10.58
C THR B 335 15.68 -20.92 10.87
N GLY B 336 15.35 -21.06 12.15
CA GLY B 336 14.40 -22.04 12.64
C GLY B 336 13.44 -21.41 13.63
N SER B 337 13.00 -22.17 14.63
CA SER B 337 12.05 -21.66 15.62
C SER B 337 12.73 -20.81 16.68
N GLU B 338 14.00 -21.07 16.91
CA GLU B 338 14.80 -20.27 17.83
C GLU B 338 14.70 -18.80 17.39
N GLN B 339 14.36 -17.92 18.32
CA GLN B 339 14.01 -16.55 17.96
C GLN B 339 14.62 -15.52 18.87
N ARG B 340 15.93 -15.36 18.83
CA ARG B 340 16.54 -14.40 19.73
C ARG B 340 17.92 -13.97 19.29
N VAL B 341 18.60 -13.25 20.18
CA VAL B 341 19.95 -12.79 19.98
C VAL B 341 20.63 -12.60 21.31
N ILE B 342 21.75 -11.89 21.27
CA ILE B 342 22.52 -11.56 22.44
C ILE B 342 21.90 -10.45 23.25
N THR B 343 21.74 -10.70 24.54
CA THR B 343 21.31 -9.70 25.49
C THR B 343 22.51 -9.33 26.37
N VAL B 344 22.83 -8.05 26.43
CA VAL B 344 24.00 -7.60 27.19
C VAL B 344 23.58 -6.85 28.45
N ASP B 345 24.27 -7.13 29.55
CA ASP B 345 23.96 -6.51 30.83
C ASP B 345 24.76 -5.23 30.95
N ALA B 346 25.64 -5.01 29.98
CA ALA B 346 26.63 -3.95 30.05
C ALA B 346 27.69 -4.35 31.08
N ASP B 347 27.45 -5.46 31.75
CA ASP B 347 28.42 -6.01 32.69
C ASP B 347 29.44 -6.85 31.93
N GLY B 348 29.36 -6.83 30.60
CA GLY B 348 30.28 -7.56 29.75
C GLY B 348 29.89 -9.01 29.55
N ARG B 349 28.69 -9.35 30.02
CA ARG B 349 28.21 -10.72 29.99
C ARG B 349 27.05 -10.87 28.99
N PHE B 350 27.12 -11.90 28.15
CA PHE B 350 26.11 -12.15 27.12
C PHE B 350 25.07 -13.17 27.62
N VAL B 351 23.87 -13.17 27.04
CA VAL B 351 22.81 -14.10 27.46
C VAL B 351 21.71 -14.30 26.39
N PRO B 352 21.20 -15.54 26.25
CA PRO B 352 20.11 -15.83 25.32
C PRO B 352 18.74 -15.39 25.83
N LYS B 353 18.25 -14.25 25.33
CA LYS B 353 16.90 -13.77 25.66
C LYS B 353 15.95 -13.96 24.47
N ARG B 354 14.84 -14.64 24.72
CA ARG B 354 13.91 -14.99 23.63
C ARG B 354 13.03 -13.83 23.20
N VAL B 355 12.77 -13.73 21.89
CA VAL B 355 11.92 -12.67 21.34
C VAL B 355 11.08 -13.16 20.18
N ALA B 356 9.99 -12.44 19.91
CA ALA B 356 9.12 -12.75 18.78
C ALA B 356 9.07 -11.58 17.80
N VAL B 357 9.24 -11.86 16.52
CA VAL B 357 9.28 -10.81 15.50
C VAL B 357 7.90 -10.47 14.96
N PHE B 358 7.72 -9.21 14.58
CA PHE B 358 6.49 -8.76 13.92
C PHE B 358 6.71 -8.66 12.42
N GLN B 359 7.74 -7.91 12.04
CA GLN B 359 8.15 -7.81 10.64
C GLN B 359 9.53 -7.18 10.48
N ALA B 360 10.02 -7.18 9.24
CA ALA B 360 11.33 -6.65 8.91
C ALA B 360 11.21 -5.73 7.71
N SER B 361 12.21 -4.88 7.52
CA SER B 361 12.18 -3.88 6.45
C SER B 361 13.40 -2.97 6.42
N GLN B 362 13.84 -2.63 5.21
CA GLN B 362 14.84 -1.59 5.02
C GLN B 362 16.09 -1.80 5.89
N GLY B 363 16.24 -2.99 6.45
CA GLY B 363 17.47 -3.35 7.14
C GLY B 363 17.37 -3.53 8.66
N VAL B 364 16.17 -3.37 9.21
CA VAL B 364 15.97 -3.64 10.63
C VAL B 364 14.68 -4.41 10.83
N THR B 365 14.37 -4.72 12.08
CA THR B 365 13.17 -5.49 12.37
C THR B 365 12.42 -4.92 13.56
N ALA B 366 11.14 -5.25 13.63
CA ALA B 366 10.31 -4.85 14.74
C ALA B 366 9.72 -6.08 15.41
N LEU B 367 9.67 -6.01 16.74
CA LEU B 367 9.40 -7.16 17.59
C LEU B 367 8.07 -7.06 18.31
N ARG B 368 7.15 -7.93 17.93
CA ARG B 368 5.85 -7.95 18.56
C ARG B 368 5.96 -8.76 19.84
N SER B 369 6.53 -8.13 20.88
CA SER B 369 6.71 -8.76 22.19
C SER B 369 8.02 -9.55 22.27
N GLY B 370 8.87 -9.18 23.23
CA GLY B 370 10.18 -9.79 23.36
C GLY B 370 11.08 -9.12 24.38
N LEU B 371 11.86 -8.13 23.94
CA LEU B 371 12.83 -7.48 24.81
C LEU B 371 12.36 -6.15 25.41
N ALA B 372 13.22 -5.57 26.24
CA ALA B 372 12.96 -4.28 26.85
C ALA B 372 13.43 -3.17 25.92
N GLU B 373 13.07 -1.93 26.25
CA GLU B 373 13.34 -0.80 25.36
C GLU B 373 14.80 -0.34 25.29
N GLY B 374 15.43 -0.12 26.44
CA GLY B 374 16.79 0.36 26.47
C GLY B 374 17.84 -0.74 26.36
N GLU B 375 17.39 -1.98 26.49
CA GLU B 375 18.28 -3.14 26.50
C GLU B 375 19.32 -3.07 25.40
N LYS B 376 20.51 -3.60 25.68
CA LYS B 376 21.59 -3.57 24.70
C LYS B 376 21.76 -4.92 24.01
N VAL B 377 22.01 -4.88 22.71
CA VAL B 377 22.26 -6.05 21.91
C VAL B 377 23.46 -5.75 21.01
N VAL B 378 23.94 -6.76 20.28
CA VAL B 378 25.20 -6.61 19.58
C VAL B 378 25.15 -6.95 18.10
N SER B 379 25.16 -5.92 17.27
CA SER B 379 25.36 -6.09 15.84
C SER B 379 26.87 -6.15 15.60
N SER B 380 27.26 -6.71 14.46
CA SER B 380 28.67 -6.83 14.10
C SER B 380 29.45 -7.77 15.02
N GLY B 381 28.79 -8.28 16.06
CA GLY B 381 29.43 -9.19 16.99
C GLY B 381 29.92 -10.46 16.31
N LEU B 382 31.07 -10.97 16.74
CA LEU B 382 31.62 -12.22 16.21
C LEU B 382 32.42 -13.03 17.23
N PHE B 383 31.89 -14.18 17.64
CA PHE B 383 32.60 -15.16 18.45
C PHE B 383 31.87 -16.51 18.49
N LEU B 384 32.47 -17.52 19.11
CA LEU B 384 31.87 -18.87 19.13
C LEU B 384 31.25 -19.29 20.47
N ILE B 385 30.95 -20.58 20.56
CA ILE B 385 30.36 -21.19 21.75
C ILE B 385 30.86 -20.60 23.05
#